data_6PZQ
#
_entry.id   6PZQ
#
_cell.length_a   94.750
_cell.length_b   94.750
_cell.length_c   199.630
_cell.angle_alpha   90.000
_cell.angle_beta   90.000
_cell.angle_gamma   90.000
#
_symmetry.space_group_name_H-M   'P 41 21 2'
#
loop_
_entity.id
_entity.type
_entity.pdbx_description
1 polymer 'Matrix M2-1'
2 polymer "RNA (5'-R(P*GP*UP*UP*AP*AP*U)-3')"
3 non-polymer 'ZINC ION'
4 water water
#
loop_
_entity_poly.entity_id
_entity_poly.type
_entity_poly.pdbx_seq_one_letter_code
_entity_poly.pdbx_strand_id
1 'polypeptide(L)'
;MSRRNPCKFEIRGHCLNGKRCHFSHNYFEWPPHALLVRQNFMLNRILKSMDKSIDTLSEISGAAELDRTEEYALGVVGVL
ESYIGSINNITKQSACVAMSKLLTELNSDDIKKLRDNEELNSPKIRVYNTVISYIESNRKNNKQTIHLLKRLPADVLKKT
IKNTLDIHKSITINNPKELTVSDTNDHAKNNDTT
;
A,B,C,D
2 'polyribonucleotide' AGUUAAU I,J
#
loop_
_chem_comp.id
_chem_comp.type
_chem_comp.name
_chem_comp.formula
A RNA linking ADENOSINE-5'-MONOPHOSPHATE 'C10 H14 N5 O7 P'
G RNA linking GUANOSINE-5'-MONOPHOSPHATE 'C10 H14 N5 O8 P'
U RNA linking URIDINE-5'-MONOPHOSPHATE 'C9 H13 N2 O9 P'
ZN non-polymer 'ZINC ION' 'Zn 2'
#
# COMPACT_ATOMS: atom_id res chain seq x y z
N MET A 1 -1.98 -2.83 26.12
CA MET A 1 -1.22 -4.12 26.26
C MET A 1 -2.05 -5.30 26.63
N SER A 2 -3.10 -5.10 27.40
CA SER A 2 -3.91 -6.23 27.82
C SER A 2 -4.71 -6.69 26.63
N ARG A 3 -4.69 -8.00 26.40
CA ARG A 3 -5.41 -8.61 25.29
C ARG A 3 -6.91 -8.45 25.46
N ARG A 4 -7.56 -8.19 24.34
CA ARG A 4 -8.99 -8.04 24.22
C ARG A 4 -9.43 -8.88 23.03
N ASN A 5 -10.72 -8.86 22.78
CA ASN A 5 -11.18 -9.52 21.57
C ASN A 5 -11.38 -8.51 20.43
N PRO A 6 -10.89 -8.85 19.24
CA PRO A 6 -10.87 -7.87 18.16
C PRO A 6 -12.20 -7.74 17.46
N CYS A 7 -12.57 -6.50 17.22
CA CYS A 7 -13.70 -6.25 16.34
C CYS A 7 -13.45 -6.92 15.00
N LYS A 8 -14.27 -7.93 14.65
CA LYS A 8 -14.20 -8.55 13.31
C LYS A 8 -14.63 -7.61 12.18
N PHE A 9 -15.40 -6.56 12.45
CA PHE A 9 -15.58 -5.57 11.41
C PHE A 9 -14.27 -4.87 11.11
N GLU A 10 -13.54 -4.46 12.15
CA GLU A 10 -12.27 -3.76 11.94
C GLU A 10 -11.24 -4.68 11.31
N ILE A 11 -11.30 -5.97 11.62
CA ILE A 11 -10.40 -6.92 10.96
C ILE A 11 -10.52 -6.86 9.45
N ARG A 12 -11.71 -6.58 8.93
CA ARG A 12 -11.94 -6.46 7.50
C ARG A 12 -11.83 -5.02 6.99
N GLY A 13 -11.29 -4.10 7.78
CA GLY A 13 -11.17 -2.73 7.33
C GLY A 13 -11.43 -1.77 8.46
N HIS A 14 -12.61 -1.13 8.42
CA HIS A 14 -13.03 -0.12 9.38
C HIS A 14 -14.40 -0.46 9.97
N CYS A 15 -14.53 -0.46 11.30
CA CYS A 15 -15.83 -0.68 11.94
C CYS A 15 -16.71 0.53 11.74
N LEU A 16 -18.00 0.27 11.43
CA LEU A 16 -18.95 1.34 11.14
C LEU A 16 -20.04 1.45 12.21
N ASN A 17 -19.92 0.73 13.33
CA ASN A 17 -20.90 0.74 14.41
C ASN A 17 -20.78 1.96 15.32
N GLY A 18 -19.62 2.23 15.88
CA GLY A 18 -19.38 3.37 16.75
C GLY A 18 -19.25 2.94 18.20
N LYS A 19 -19.53 3.90 19.10
CA LYS A 19 -19.44 3.57 20.51
C LYS A 19 -20.34 2.39 20.92
N ARG A 20 -21.22 1.89 20.03
CA ARG A 20 -22.00 0.67 20.32
C ARG A 20 -21.18 -0.61 20.28
N CYS A 21 -20.06 -0.66 19.54
CA CYS A 21 -19.30 -1.89 19.41
C CYS A 21 -18.35 -1.96 20.58
N HIS A 22 -18.49 -3.02 21.37
CA HIS A 22 -17.71 -3.25 22.58
C HIS A 22 -16.57 -4.22 22.34
N PHE A 23 -16.01 -4.20 21.14
CA PHE A 23 -14.83 -4.98 20.82
C PHE A 23 -13.68 -4.05 20.52
N SER A 24 -12.50 -4.61 20.55
CA SER A 24 -11.29 -3.83 20.39
C SER A 24 -11.09 -3.29 18.97
N HIS A 25 -10.96 -1.98 18.86
CA HIS A 25 -10.40 -1.30 17.71
C HIS A 25 -8.99 -0.74 17.99
N ASN A 26 -8.31 -1.25 19.02
CA ASN A 26 -6.95 -0.80 19.31
C ASN A 26 -5.94 -1.92 19.02
N TYR A 27 -5.11 -1.70 17.98
CA TYR A 27 -4.22 -2.76 17.51
C TYR A 27 -3.20 -3.20 18.58
N PHE A 28 -2.82 -2.31 19.50
CA PHE A 28 -1.90 -2.63 20.59
C PHE A 28 -2.41 -3.73 21.52
N GLU A 29 -3.70 -4.13 21.43
CA GLU A 29 -4.32 -5.14 22.27
C GLU A 29 -4.75 -6.40 21.54
N TRP A 30 -4.61 -6.45 20.19
CA TRP A 30 -5.06 -7.62 19.43
C TRP A 30 -4.02 -8.71 19.46
N PRO A 31 -4.43 -9.95 19.28
CA PRO A 31 -3.48 -11.07 19.14
C PRO A 31 -2.85 -11.09 17.76
N PRO A 32 -1.62 -11.60 17.66
CA PRO A 32 -0.90 -11.57 16.37
C PRO A 32 -1.72 -11.99 15.16
N HIS A 33 -2.54 -13.02 15.29
CA HIS A 33 -3.13 -13.54 14.08
C HIS A 33 -4.16 -12.59 13.54
N ALA A 34 -4.79 -11.81 14.42
CA ALA A 34 -5.76 -10.83 13.94
C ALA A 34 -5.07 -9.66 13.27
N LEU A 35 -3.86 -9.32 13.74
CA LEU A 35 -3.09 -8.29 13.05
C LEU A 35 -2.63 -8.79 11.70
N LEU A 36 -2.41 -10.10 11.57
CA LEU A 36 -2.01 -10.64 10.28
C LEU A 36 -3.14 -10.65 9.28
N VAL A 37 -4.39 -11.00 9.67
CA VAL A 37 -5.39 -11.07 8.59
C VAL A 37 -5.84 -9.68 8.20
N ARG A 38 -5.99 -8.75 9.16
CA ARG A 38 -6.32 -7.37 8.79
C ARG A 38 -5.45 -6.88 7.65
N GLN A 39 -4.13 -6.98 7.80
CA GLN A 39 -3.19 -6.52 6.78
C GLN A 39 -3.54 -7.07 5.42
N ASN A 40 -3.80 -8.37 5.36
CA ASN A 40 -4.21 -9.00 4.11
C ASN A 40 -5.52 -8.45 3.57
N PHE A 41 -6.52 -8.21 4.42
CA PHE A 41 -7.72 -7.57 3.84
C PHE A 41 -7.41 -6.14 3.36
N MET A 42 -6.56 -5.44 4.13
CA MET A 42 -6.19 -4.05 3.86
C MET A 42 -5.32 -3.94 2.61
N LEU A 43 -4.44 -4.92 2.36
CA LEU A 43 -3.68 -4.89 1.11
C LEU A 43 -4.60 -5.12 -0.05
N ASN A 44 -5.60 -6.00 0.10
CA ASN A 44 -6.50 -6.14 -1.03
C ASN A 44 -7.27 -4.84 -1.24
N ARG A 45 -7.62 -4.06 -0.19
CA ARG A 45 -8.35 -2.83 -0.56
C ARG A 45 -7.42 -1.89 -1.28
N ILE A 46 -6.17 -1.80 -0.85
CA ILE A 46 -5.24 -0.85 -1.44
C ILE A 46 -4.99 -1.20 -2.90
N LEU A 47 -4.75 -2.46 -3.18
CA LEU A 47 -4.47 -2.81 -4.56
C LEU A 47 -5.69 -2.57 -5.43
N LYS A 48 -6.85 -3.04 -4.99
CA LYS A 48 -8.09 -2.80 -5.73
C LYS A 48 -8.29 -1.30 -6.00
N SER A 49 -7.95 -0.46 -5.01
CA SER A 49 -8.14 0.99 -5.05
C SER A 49 -7.30 1.73 -6.10
N MET A 50 -6.22 1.12 -6.63
CA MET A 50 -5.39 1.74 -7.66
C MET A 50 -5.24 0.89 -8.91
N ASP A 51 -6.26 0.14 -9.28
CA ASP A 51 -6.25 -0.58 -10.57
C ASP A 51 -7.44 -0.05 -11.37
N THR A 69 -22.14 -13.86 -13.47
CA THR A 69 -22.45 -14.77 -12.36
C THR A 69 -22.02 -16.21 -12.70
N GLU A 70 -22.35 -16.61 -13.94
CA GLU A 70 -21.93 -17.91 -14.48
C GLU A 70 -20.43 -17.94 -14.81
N GLU A 71 -19.85 -16.78 -15.13
CA GLU A 71 -18.42 -16.64 -15.40
C GLU A 71 -17.57 -16.65 -14.13
N TYR A 72 -18.12 -16.15 -13.00
CA TYR A 72 -17.42 -16.21 -11.72
C TYR A 72 -17.39 -17.65 -11.16
N ALA A 73 -18.44 -18.43 -11.37
CA ALA A 73 -18.33 -19.85 -11.11
C ALA A 73 -16.98 -20.33 -11.63
N LEU A 74 -16.76 -20.05 -12.93
CA LEU A 74 -15.61 -20.53 -13.69
C LEU A 74 -14.30 -20.01 -13.13
N GLY A 75 -14.20 -18.69 -13.01
CA GLY A 75 -12.94 -18.04 -12.75
C GLY A 75 -12.33 -17.54 -14.03
N VAL A 76 -11.19 -16.88 -13.93
CA VAL A 76 -10.58 -16.37 -15.16
C VAL A 76 -9.91 -17.52 -15.92
N VAL A 77 -9.25 -18.44 -15.20
CA VAL A 77 -8.62 -19.59 -15.85
C VAL A 77 -9.68 -20.46 -16.51
N GLY A 78 -10.80 -20.66 -15.84
CA GLY A 78 -11.86 -21.46 -16.41
C GLY A 78 -12.49 -20.82 -17.62
N VAL A 79 -12.69 -19.49 -17.61
CA VAL A 79 -13.21 -18.85 -18.82
C VAL A 79 -12.15 -18.75 -19.91
N LEU A 80 -10.89 -18.93 -19.58
CA LEU A 80 -9.85 -18.95 -20.58
C LEU A 80 -9.66 -20.36 -21.10
N GLU A 81 -9.63 -21.35 -20.20
CA GLU A 81 -9.52 -22.76 -20.58
C GLU A 81 -10.73 -23.16 -21.44
N SER A 82 -11.90 -22.69 -21.04
CA SER A 82 -13.11 -23.03 -21.78
C SER A 82 -13.18 -22.28 -23.10
N TYR A 83 -12.17 -21.44 -23.39
CA TYR A 83 -12.06 -20.81 -24.70
C TYR A 83 -11.23 -21.65 -25.65
N ILE A 84 -10.29 -22.42 -25.12
CA ILE A 84 -9.48 -23.34 -25.92
C ILE A 84 -10.35 -24.45 -26.51
N GLY A 85 -11.42 -24.83 -25.82
CA GLY A 85 -12.34 -25.84 -26.32
C GLY A 85 -13.68 -25.29 -26.79
N SER A 86 -13.75 -23.97 -27.05
CA SER A 86 -14.96 -23.34 -27.60
C SER A 86 -16.20 -23.79 -26.86
N ILE A 87 -16.19 -23.57 -25.55
CA ILE A 87 -17.18 -24.15 -24.65
C ILE A 87 -17.78 -23.07 -23.76
N ASN A 88 -19.00 -23.36 -23.28
CA ASN A 88 -19.82 -22.49 -22.44
C ASN A 88 -20.07 -21.12 -23.08
N ASN A 89 -20.12 -21.08 -24.41
CA ASN A 89 -20.55 -19.89 -25.14
C ASN A 89 -19.79 -18.64 -24.65
N ILE A 90 -18.46 -18.79 -24.66
CA ILE A 90 -17.52 -17.67 -24.48
C ILE A 90 -17.62 -16.71 -25.67
N THR A 91 -17.14 -15.49 -25.47
CA THR A 91 -16.96 -14.55 -26.57
C THR A 91 -15.53 -14.08 -26.57
N LYS A 92 -14.97 -13.95 -27.78
CA LYS A 92 -13.63 -13.40 -27.96
C LYS A 92 -13.44 -12.12 -27.15
N GLN A 93 -14.50 -11.31 -27.01
CA GLN A 93 -14.42 -10.09 -26.21
C GLN A 93 -14.18 -10.42 -24.74
N SER A 94 -14.91 -11.39 -24.20
CA SER A 94 -14.80 -11.71 -22.78
C SER A 94 -13.56 -12.55 -22.49
N ALA A 95 -13.00 -13.22 -23.48
CA ALA A 95 -11.80 -14.01 -23.26
C ALA A 95 -10.53 -13.18 -23.31
N CYS A 96 -10.62 -11.96 -23.81
CA CYS A 96 -9.46 -11.08 -23.87
C CYS A 96 -9.34 -10.24 -22.61
N VAL A 97 -10.46 -9.71 -22.11
CA VAL A 97 -10.48 -9.14 -20.76
C VAL A 97 -9.92 -10.15 -19.73
N ALA A 98 -10.38 -11.41 -19.81
CA ALA A 98 -9.84 -12.46 -18.94
C ALA A 98 -8.32 -12.52 -19.02
N MET A 99 -7.79 -12.28 -20.22
CA MET A 99 -6.37 -12.48 -20.46
C MET A 99 -5.53 -11.37 -19.84
N SER A 100 -5.92 -10.12 -20.08
CA SER A 100 -5.29 -9.00 -19.41
C SER A 100 -5.32 -9.20 -17.89
N LYS A 101 -6.54 -9.33 -17.33
CA LYS A 101 -6.70 -9.68 -15.93
C LYS A 101 -5.74 -10.75 -15.48
N LEU A 102 -5.44 -11.71 -16.32
CA LEU A 102 -4.46 -12.73 -15.97
C LEU A 102 -3.04 -12.18 -16.06
N LEU A 103 -2.75 -11.31 -17.03
CA LEU A 103 -1.39 -10.80 -17.15
C LEU A 103 -1.05 -9.95 -15.94
N THR A 104 -2.01 -9.13 -15.50
CA THR A 104 -1.76 -8.30 -14.34
C THR A 104 -1.54 -9.14 -13.10
N GLU A 105 -1.90 -10.42 -13.15
CA GLU A 105 -1.65 -11.31 -12.04
C GLU A 105 -0.27 -11.92 -12.09
N LEU A 106 0.33 -11.98 -13.25
CA LEU A 106 1.69 -12.53 -13.40
C LEU A 106 2.69 -11.42 -13.10
N ASN A 107 3.90 -11.77 -12.70
CA ASN A 107 4.90 -10.76 -12.32
C ASN A 107 6.05 -10.79 -13.32
N SER A 108 6.47 -9.62 -13.80
CA SER A 108 7.45 -9.43 -14.91
C SER A 108 8.87 -9.83 -14.55
N ASP A 109 9.23 -9.98 -13.30
CA ASP A 109 10.58 -10.37 -12.96
C ASP A 109 10.70 -11.88 -12.78
N ASP A 110 9.62 -12.63 -12.94
CA ASP A 110 9.62 -14.05 -12.62
C ASP A 110 9.98 -14.90 -13.83
N ILE A 111 9.44 -14.54 -14.99
CA ILE A 111 9.80 -15.17 -16.25
C ILE A 111 11.12 -14.67 -16.81
N LYS A 112 11.72 -13.65 -16.19
CA LYS A 112 13.10 -13.32 -16.51
C LYS A 112 14.05 -14.25 -15.79
N LYS A 113 13.63 -14.79 -14.66
CA LYS A 113 14.32 -15.95 -14.12
C LYS A 113 14.16 -17.15 -15.06
N LEU A 114 12.92 -17.42 -15.48
CA LEU A 114 12.63 -18.63 -16.27
C LEU A 114 13.18 -18.55 -17.70
N ARG A 115 13.62 -17.38 -18.11
CA ARG A 115 14.20 -17.13 -19.44
C ARG A 115 15.71 -17.04 -19.40
N ASP A 116 16.33 -16.95 -18.23
CA ASP A 116 17.80 -16.85 -18.14
C ASP A 116 18.37 -18.18 -17.67
N ASN A 117 17.60 -19.27 -17.64
CA ASN A 117 18.16 -20.56 -17.22
C ASN A 117 18.29 -21.55 -18.38
N GLU A 118 17.50 -21.45 -19.46
CA GLU A 118 17.57 -22.43 -20.53
C GLU A 118 18.57 -21.98 -21.59
N GLU A 119 19.02 -22.96 -22.39
CA GLU A 119 20.15 -22.76 -23.30
C GLU A 119 19.83 -21.75 -24.40
N LEU A 120 20.88 -21.11 -24.91
CA LEU A 120 20.73 -20.11 -25.94
C LEU A 120 20.26 -20.77 -27.24
N ASN A 121 19.65 -19.96 -28.10
CA ASN A 121 19.06 -20.44 -29.33
C ASN A 121 18.18 -21.67 -29.03
N SER A 122 17.18 -21.42 -28.17
CA SER A 122 16.18 -22.41 -27.76
C SER A 122 14.79 -21.98 -28.20
N PRO A 123 13.84 -22.93 -28.28
CA PRO A 123 12.52 -22.61 -28.84
C PRO A 123 11.51 -22.06 -27.84
N LYS A 124 11.93 -21.75 -26.61
CA LYS A 124 11.04 -21.22 -25.56
C LYS A 124 11.72 -19.99 -24.94
N ILE A 125 11.88 -18.97 -25.76
CA ILE A 125 12.40 -17.70 -25.30
C ILE A 125 11.49 -16.67 -25.95
N ARG A 126 11.07 -16.95 -27.19
CA ARG A 126 10.13 -16.08 -27.87
C ARG A 126 8.74 -16.12 -27.22
N VAL A 127 8.31 -17.28 -26.71
CA VAL A 127 7.07 -17.30 -25.94
C VAL A 127 7.26 -16.42 -24.71
N TYR A 128 8.24 -16.75 -23.86
CA TYR A 128 8.60 -15.89 -22.75
C TYR A 128 8.62 -14.42 -23.17
N ASN A 129 9.47 -14.05 -24.11
CA ASN A 129 9.58 -12.63 -24.39
C ASN A 129 8.30 -12.06 -24.99
N THR A 130 7.41 -12.91 -25.51
CA THR A 130 6.09 -12.40 -25.91
C THR A 130 5.14 -12.33 -24.70
N VAL A 131 5.38 -13.19 -23.69
CA VAL A 131 4.72 -13.03 -22.41
C VAL A 131 5.24 -11.78 -21.71
N ILE A 132 6.57 -11.70 -21.51
CA ILE A 132 7.16 -10.47 -20.99
C ILE A 132 6.62 -9.25 -21.72
N SER A 133 6.43 -9.39 -23.04
CA SER A 133 6.00 -8.28 -23.89
C SER A 133 4.54 -7.99 -23.76
N TYR A 134 3.79 -8.85 -23.10
CA TYR A 134 2.38 -8.65 -22.81
C TYR A 134 2.15 -8.31 -21.34
N ILE A 135 2.87 -9.00 -20.44
CA ILE A 135 2.78 -8.76 -19.01
C ILE A 135 2.87 -7.27 -18.72
N GLU A 136 3.78 -6.58 -19.41
CA GLU A 136 4.03 -5.16 -19.14
C GLU A 136 3.59 -4.24 -20.28
N SER A 137 3.31 -4.75 -21.48
CA SER A 137 2.50 -3.96 -22.41
C SER A 137 1.09 -3.75 -21.88
N ASN A 138 0.73 -4.48 -20.83
CA ASN A 138 -0.55 -4.37 -20.18
C ASN A 138 -0.46 -3.75 -18.79
N ARG A 139 0.73 -3.75 -18.16
CA ARG A 139 0.87 -3.00 -16.92
C ARG A 139 0.55 -1.54 -17.14
N LYS A 140 0.57 -1.07 -18.39
CA LYS A 140 0.29 0.33 -18.66
C LYS A 140 -1.21 0.59 -18.73
N ASN A 141 -1.89 -0.17 -19.57
CA ASN A 141 -3.34 -0.07 -19.68
C ASN A 141 -3.84 -1.33 -20.38
N ASN A 142 -5.04 -1.74 -20.02
CA ASN A 142 -5.64 -2.94 -20.55
C ASN A 142 -6.58 -2.65 -21.72
N LYS A 143 -6.65 -1.40 -22.18
CA LYS A 143 -7.47 -1.08 -23.35
C LYS A 143 -6.69 -1.38 -24.62
N GLN A 144 -5.45 -0.86 -24.71
CA GLN A 144 -4.64 -1.10 -25.90
C GLN A 144 -4.19 -2.56 -25.97
N THR A 145 -4.09 -3.26 -24.83
CA THR A 145 -3.59 -4.63 -24.86
C THR A 145 -4.69 -5.66 -25.06
N ILE A 146 -5.95 -5.36 -24.71
CA ILE A 146 -7.04 -6.27 -25.08
C ILE A 146 -7.36 -6.15 -26.57
N HIS A 147 -7.21 -4.94 -27.14
CA HIS A 147 -7.30 -4.78 -28.60
C HIS A 147 -6.14 -5.47 -29.30
N LEU A 148 -4.94 -5.46 -28.69
CA LEU A 148 -3.74 -6.01 -29.32
C LEU A 148 -3.86 -7.50 -29.61
N LEU A 149 -4.81 -8.18 -28.98
CA LEU A 149 -5.08 -9.59 -29.24
C LEU A 149 -6.47 -9.83 -29.77
N LYS A 150 -7.42 -8.92 -29.51
CA LYS A 150 -8.72 -8.95 -30.17
C LYS A 150 -8.58 -8.92 -31.68
N ARG A 151 -7.41 -8.54 -32.19
CA ARG A 151 -7.09 -8.60 -33.61
C ARG A 151 -6.34 -9.88 -33.98
N LEU A 152 -5.47 -10.38 -33.08
CA LEU A 152 -4.65 -11.55 -33.40
C LEU A 152 -5.55 -12.73 -33.77
N PRO A 153 -5.11 -13.59 -34.68
CA PRO A 153 -5.98 -14.66 -35.18
C PRO A 153 -6.35 -15.69 -34.10
N ALA A 154 -7.51 -16.32 -34.30
CA ALA A 154 -8.04 -17.28 -33.32
C ALA A 154 -7.10 -18.46 -33.14
N ASP A 155 -6.40 -18.86 -34.19
CA ASP A 155 -5.42 -19.94 -34.07
C ASP A 155 -4.31 -19.55 -33.10
N VAL A 156 -3.67 -18.39 -33.34
CA VAL A 156 -2.53 -18.00 -32.52
C VAL A 156 -3.00 -17.53 -31.16
N LEU A 157 -4.22 -17.00 -31.07
CA LEU A 157 -4.77 -16.59 -29.78
C LEU A 157 -4.77 -17.78 -28.84
N LYS A 158 -5.61 -18.77 -29.12
CA LYS A 158 -5.76 -19.95 -28.29
C LYS A 158 -4.40 -20.48 -27.82
N LYS A 159 -3.40 -20.51 -28.69
CA LYS A 159 -2.12 -21.12 -28.32
C LYS A 159 -1.29 -20.19 -27.42
N THR A 160 -1.39 -18.88 -27.70
CA THR A 160 -0.69 -17.78 -26.97
C THR A 160 -1.45 -17.49 -25.68
N ILE A 161 -2.78 -17.52 -25.66
CA ILE A 161 -3.56 -17.56 -24.40
C ILE A 161 -3.13 -18.77 -23.59
N LYS A 162 -2.98 -19.93 -24.21
CA LYS A 162 -2.62 -21.12 -23.45
C LYS A 162 -1.13 -21.10 -23.13
N ASN A 163 -0.33 -20.21 -23.72
CA ASN A 163 1.09 -20.23 -23.38
C ASN A 163 1.32 -19.55 -22.03
N THR A 164 0.55 -18.50 -21.74
CA THR A 164 0.71 -17.83 -20.46
C THR A 164 0.09 -18.65 -19.35
N LEU A 165 -1.03 -19.33 -19.63
CA LEU A 165 -1.70 -20.17 -18.65
C LEU A 165 -0.75 -21.15 -18.00
N ASP A 166 0.21 -21.63 -18.75
CA ASP A 166 1.05 -22.69 -18.22
C ASP A 166 2.28 -22.13 -17.52
N ILE A 167 2.74 -20.95 -17.98
CA ILE A 167 3.75 -20.24 -17.21
C ILE A 167 3.16 -19.87 -15.86
N HIS A 168 1.86 -19.55 -15.85
CA HIS A 168 1.16 -19.20 -14.61
C HIS A 168 1.20 -20.34 -13.59
N LYS A 169 0.88 -21.57 -14.00
CA LYS A 169 0.93 -22.70 -13.06
C LYS A 169 2.36 -23.21 -12.85
N SER A 170 3.24 -23.00 -13.83
CA SER A 170 4.66 -23.33 -13.66
C SER A 170 5.27 -22.56 -12.47
N ILE A 171 5.16 -21.23 -12.51
CA ILE A 171 5.73 -20.34 -11.49
C ILE A 171 5.15 -20.64 -10.12
N THR A 172 3.85 -20.87 -10.08
CA THR A 172 3.15 -20.90 -8.81
C THR A 172 3.34 -22.18 -8.00
N ILE A 173 3.91 -23.28 -8.57
CA ILE A 173 3.97 -24.57 -7.85
C ILE A 173 5.37 -25.14 -7.57
N ASN A 174 6.18 -25.34 -8.60
CA ASN A 174 7.44 -26.07 -8.42
C ASN A 174 8.63 -25.14 -8.11
N ARG B 4 17.05 -1.43 23.13
CA ARG B 4 16.06 -0.47 23.62
C ARG B 4 14.60 -0.83 23.16
N ASN B 5 13.58 -0.24 23.87
CA ASN B 5 12.18 -0.47 23.56
C ASN B 5 11.75 0.33 22.32
N PRO B 6 10.76 -0.16 21.60
CA PRO B 6 10.39 0.47 20.34
C PRO B 6 9.63 1.75 20.53
N CYS B 7 10.11 2.79 19.85
CA CYS B 7 9.56 4.13 19.95
C CYS B 7 8.11 4.06 19.53
N LYS B 8 7.23 4.51 20.43
CA LYS B 8 5.78 4.53 20.18
C LYS B 8 5.42 5.54 19.08
N PHE B 9 6.21 6.59 18.87
CA PHE B 9 5.88 7.40 17.71
C PHE B 9 6.16 6.65 16.43
N GLU B 10 7.23 5.84 16.42
CA GLU B 10 7.58 5.08 15.23
C GLU B 10 6.54 4.02 14.92
N ILE B 11 6.05 3.34 15.96
CA ILE B 11 4.95 2.41 15.77
C ILE B 11 3.73 3.01 15.07
N ARG B 12 3.49 4.30 15.18
CA ARG B 12 2.31 4.85 14.54
C ARG B 12 2.61 5.47 13.21
N GLY B 13 3.88 5.44 12.81
CA GLY B 13 4.28 6.15 11.62
C GLY B 13 5.77 6.40 11.68
N HIS B 14 6.14 7.66 11.95
CA HIS B 14 7.53 8.07 11.94
C HIS B 14 7.78 9.01 13.13
N CYS B 15 8.80 8.72 13.98
CA CYS B 15 9.15 9.62 15.09
C CYS B 15 9.54 10.95 14.49
N LEU B 16 9.14 12.01 15.17
CA LEU B 16 9.43 13.39 14.78
C LEU B 16 10.29 14.12 15.82
N ASN B 17 10.75 13.43 16.86
CA ASN B 17 11.50 13.96 17.98
C ASN B 17 12.99 14.09 17.77
N GLY B 18 13.50 13.87 16.56
CA GLY B 18 14.93 13.99 16.31
C GLY B 18 15.72 13.08 17.22
N LYS B 19 16.95 13.49 17.51
CA LYS B 19 17.86 12.68 18.34
C LYS B 19 17.56 12.67 19.82
N ARG B 20 16.71 13.57 20.30
CA ARG B 20 16.29 13.54 21.70
C ARG B 20 15.66 12.18 22.06
N CYS B 21 15.14 11.43 21.07
CA CYS B 21 14.37 10.20 21.33
C CYS B 21 15.29 8.99 21.33
N HIS B 22 15.37 8.33 22.49
CA HIS B 22 16.33 7.27 22.74
C HIS B 22 15.71 5.90 22.66
N PHE B 23 14.48 5.82 22.16
CA PHE B 23 13.86 4.54 21.95
C PHE B 23 14.31 4.03 20.62
N SER B 24 13.99 2.76 20.34
CA SER B 24 14.51 2.09 19.16
C SER B 24 13.68 2.47 17.97
N HIS B 25 14.35 2.86 16.89
CA HIS B 25 13.70 3.08 15.60
C HIS B 25 14.20 2.10 14.57
N ASN B 26 14.66 0.95 15.03
CA ASN B 26 15.33 -0.03 14.19
C ASN B 26 14.49 -1.30 14.21
N TYR B 27 13.84 -1.53 13.08
CA TYR B 27 12.90 -2.64 13.00
C TYR B 27 13.55 -3.97 13.36
N PHE B 28 14.86 -4.11 13.12
CA PHE B 28 15.57 -5.35 13.46
C PHE B 28 15.45 -5.70 14.95
N GLU B 29 15.53 -4.69 15.85
CA GLU B 29 15.46 -4.97 17.28
C GLU B 29 14.05 -5.20 17.79
N TRP B 30 13.02 -4.86 17.01
CA TRP B 30 11.68 -4.85 17.58
C TRP B 30 11.14 -6.25 17.84
N PRO B 31 10.34 -6.44 18.86
CA PRO B 31 9.58 -7.68 18.96
C PRO B 31 8.48 -7.73 17.90
N PRO B 32 7.97 -8.91 17.57
CA PRO B 32 7.06 -9.03 16.39
C PRO B 32 5.77 -8.26 16.52
N HIS B 33 5.24 -8.12 17.72
CA HIS B 33 3.95 -7.48 17.88
C HIS B 33 4.00 -6.01 17.47
N ALA B 34 5.09 -5.32 17.83
CA ALA B 34 5.23 -3.93 17.40
C ALA B 34 5.35 -3.83 15.88
N LEU B 35 5.87 -4.85 15.22
CA LEU B 35 5.93 -4.75 13.78
C LEU B 35 4.60 -5.03 13.17
N LEU B 36 3.79 -5.90 13.79
CA LEU B 36 2.45 -6.16 13.29
C LEU B 36 1.55 -4.97 13.52
N VAL B 37 1.70 -4.34 14.68
CA VAL B 37 0.89 -3.14 14.97
C VAL B 37 1.26 -2.02 14.01
N ARG B 38 2.56 -1.72 13.86
CA ARG B 38 2.95 -0.63 12.96
C ARG B 38 2.41 -0.90 11.57
N GLN B 39 2.51 -2.13 11.08
CA GLN B 39 2.02 -2.37 9.72
C GLN B 39 0.57 -1.92 9.56
N ASN B 40 -0.29 -2.23 10.55
CA ASN B 40 -1.69 -1.83 10.43
C ASN B 40 -1.86 -0.29 10.52
N PHE B 41 -1.13 0.41 11.43
CA PHE B 41 -1.23 1.86 11.36
C PHE B 41 -0.76 2.35 10.02
N MET B 42 0.25 1.70 9.46
CA MET B 42 0.76 2.24 8.20
C MET B 42 -0.20 1.97 7.03
N LEU B 43 -0.79 0.75 6.92
CA LEU B 43 -1.76 0.52 5.83
C LEU B 43 -2.94 1.45 5.97
N ASN B 44 -3.35 1.79 7.20
CA ASN B 44 -4.47 2.71 7.30
C ASN B 44 -4.09 4.04 6.67
N ARG B 45 -2.81 4.35 6.69
CA ARG B 45 -2.37 5.69 6.29
C ARG B 45 -2.25 5.74 4.77
N ILE B 46 -1.68 4.68 4.20
CA ILE B 46 -1.59 4.53 2.74
C ILE B 46 -2.97 4.62 2.14
N LEU B 47 -3.92 3.83 2.66
CA LEU B 47 -5.27 3.79 2.12
C LEU B 47 -5.93 5.15 2.17
N LYS B 48 -5.77 5.89 3.25
CA LYS B 48 -6.47 7.16 3.33
C LYS B 48 -5.87 8.16 2.36
N SER B 49 -4.60 8.05 2.01
CA SER B 49 -3.99 9.09 1.19
C SER B 49 -4.08 8.79 -0.31
N MET B 50 -5.17 8.13 -0.75
CA MET B 50 -5.49 8.01 -2.16
C MET B 50 -7.00 8.25 -2.33
N ASP B 51 -7.43 9.52 -2.17
CA ASP B 51 -8.86 9.90 -2.25
C ASP B 51 -9.10 11.40 -2.48
N ARG B 68 -19.58 14.54 13.55
CA ARG B 68 -20.88 14.70 12.90
C ARG B 68 -21.96 14.75 13.99
N THR B 69 -21.99 15.87 14.72
CA THR B 69 -23.11 16.23 15.64
C THR B 69 -23.65 15.02 16.43
N GLU B 70 -22.75 14.22 17.03
CA GLU B 70 -23.12 13.16 18.01
C GLU B 70 -24.14 12.15 17.46
N GLU B 71 -24.11 11.96 16.13
CA GLU B 71 -24.46 10.76 15.40
C GLU B 71 -23.20 9.93 15.20
N TYR B 72 -22.09 10.44 15.69
CA TYR B 72 -20.87 9.69 15.79
C TYR B 72 -21.00 8.45 16.68
N ALA B 73 -21.97 8.41 17.60
CA ALA B 73 -22.12 7.26 18.51
C ALA B 73 -22.91 6.12 17.88
N LEU B 74 -23.86 6.47 17.02
CA LEU B 74 -24.57 5.53 16.19
C LEU B 74 -23.64 4.84 15.20
N GLY B 75 -22.73 5.60 14.65
CA GLY B 75 -21.95 5.11 13.56
C GLY B 75 -22.74 5.20 12.28
N VAL B 76 -22.08 4.79 11.21
CA VAL B 76 -22.74 4.67 9.92
C VAL B 76 -23.89 3.67 10.00
N VAL B 77 -23.66 2.55 10.68
CA VAL B 77 -24.66 1.51 10.73
C VAL B 77 -25.84 1.97 11.60
N GLY B 78 -25.56 2.66 12.68
CA GLY B 78 -26.64 3.17 13.50
C GLY B 78 -27.45 4.26 12.83
N VAL B 79 -26.84 5.00 11.90
CA VAL B 79 -27.56 6.06 11.19
C VAL B 79 -28.47 5.45 10.15
N LEU B 80 -28.00 4.37 9.53
CA LEU B 80 -28.80 3.71 8.51
C LEU B 80 -29.99 2.99 9.15
N GLU B 81 -29.77 2.37 10.31
CA GLU B 81 -30.81 1.61 10.97
C GLU B 81 -31.81 2.51 11.66
N SER B 82 -31.39 3.73 12.02
CA SER B 82 -32.35 4.68 12.56
C SER B 82 -33.19 5.27 11.45
N TYR B 83 -32.55 5.58 10.32
CA TYR B 83 -33.31 5.99 9.14
C TYR B 83 -34.34 4.94 8.69
N ILE B 84 -33.98 3.64 8.65
CA ILE B 84 -34.94 2.66 8.12
C ILE B 84 -36.17 2.69 9.00
N GLY B 85 -35.97 2.82 10.31
CA GLY B 85 -36.99 2.81 11.33
C GLY B 85 -37.55 4.17 11.70
N SER B 86 -37.08 5.25 11.04
CA SER B 86 -37.66 6.59 11.18
C SER B 86 -37.60 7.06 12.63
N ILE B 87 -36.42 6.89 13.21
CA ILE B 87 -36.14 7.32 14.56
C ILE B 87 -34.80 8.08 14.60
N ASN B 88 -34.55 8.73 15.75
CA ASN B 88 -33.31 9.49 16.01
C ASN B 88 -33.03 10.57 14.94
N ASN B 89 -34.07 11.13 14.32
CA ASN B 89 -33.94 12.37 13.57
C ASN B 89 -32.86 12.34 12.51
N ILE B 90 -32.71 11.19 11.86
CA ILE B 90 -31.79 10.94 10.74
C ILE B 90 -32.45 11.42 9.44
N THR B 91 -32.05 12.58 8.96
CA THR B 91 -32.63 13.04 7.70
C THR B 91 -32.20 12.15 6.52
N LYS B 92 -32.95 12.22 5.44
CA LYS B 92 -32.66 11.38 4.27
C LYS B 92 -31.30 11.71 3.65
N GLN B 93 -30.93 12.99 3.61
CA GLN B 93 -29.63 13.37 3.06
C GLN B 93 -28.52 12.64 3.77
N SER B 94 -28.46 12.76 5.11
CA SER B 94 -27.32 12.22 5.83
C SER B 94 -27.30 10.69 5.85
N ALA B 95 -28.44 10.05 5.57
CA ALA B 95 -28.48 8.60 5.38
C ALA B 95 -28.00 8.15 4.00
N CYS B 96 -28.08 9.03 2.97
CA CYS B 96 -27.55 8.69 1.64
C CYS B 96 -26.03 8.80 1.61
N VAL B 97 -25.52 9.87 2.22
CA VAL B 97 -24.10 9.98 2.54
C VAL B 97 -23.61 8.75 3.31
N ALA B 98 -24.25 8.44 4.45
CA ALA B 98 -23.81 7.28 5.22
C ALA B 98 -23.89 6.01 4.40
N MET B 99 -24.87 5.92 3.49
CA MET B 99 -25.00 4.74 2.63
C MET B 99 -23.80 4.60 1.71
N SER B 100 -23.26 5.70 1.22
CA SER B 100 -22.05 5.57 0.42
C SER B 100 -20.86 5.09 1.26
N LYS B 101 -20.67 5.62 2.47
CA LYS B 101 -19.62 5.11 3.35
C LYS B 101 -19.70 3.60 3.47
N LEU B 102 -20.92 3.05 3.55
CA LEU B 102 -21.10 1.63 3.81
C LEU B 102 -20.74 0.86 2.57
N LEU B 103 -21.13 1.41 1.42
CA LEU B 103 -20.79 0.78 0.15
C LEU B 103 -19.28 0.68 0.01
N THR B 104 -18.55 1.74 0.39
CA THR B 104 -17.13 1.67 0.08
C THR B 104 -16.38 0.71 0.97
N GLU B 105 -17.04 0.15 1.98
CA GLU B 105 -16.45 -0.78 2.94
C GLU B 105 -16.82 -2.21 2.63
N LEU B 106 -17.89 -2.41 1.92
CA LEU B 106 -18.13 -3.72 1.35
C LEU B 106 -17.16 -3.97 0.20
N ASN B 107 -16.81 -5.22 -0.02
CA ASN B 107 -16.04 -5.59 -1.19
C ASN B 107 -16.90 -6.51 -2.05
N SER B 108 -17.16 -6.08 -3.28
CA SER B 108 -18.04 -6.79 -4.20
C SER B 108 -17.67 -8.26 -4.33
N ASP B 109 -16.41 -8.62 -4.16
CA ASP B 109 -16.02 -10.01 -4.41
C ASP B 109 -16.70 -10.97 -3.45
N ASP B 110 -16.84 -10.61 -2.16
CA ASP B 110 -17.44 -11.55 -1.22
C ASP B 110 -18.95 -11.55 -1.27
N ILE B 111 -19.56 -10.64 -2.02
CA ILE B 111 -20.97 -10.78 -2.41
C ILE B 111 -21.11 -11.80 -3.53
N LYS B 112 -20.35 -11.60 -4.60
CA LYS B 112 -20.30 -12.57 -5.69
C LYS B 112 -20.03 -13.97 -5.16
N LYS B 113 -19.13 -14.09 -4.21
CA LYS B 113 -18.99 -15.37 -3.54
C LYS B 113 -20.33 -15.90 -3.06
N LEU B 114 -21.04 -15.12 -2.26
CA LEU B 114 -22.29 -15.60 -1.64
C LEU B 114 -23.37 -15.86 -2.67
N ARG B 115 -23.41 -15.04 -3.71
CA ARG B 115 -24.45 -15.13 -4.75
C ARG B 115 -24.26 -16.41 -5.52
N ASP B 116 -23.03 -16.91 -5.57
CA ASP B 116 -22.69 -18.14 -6.31
C ASP B 116 -22.95 -19.40 -5.49
N ASN B 117 -23.37 -19.28 -4.24
CA ASN B 117 -23.72 -20.42 -3.37
C ASN B 117 -25.20 -20.73 -3.37
N GLU B 118 -26.00 -20.09 -4.21
CA GLU B 118 -27.44 -20.29 -4.19
C GLU B 118 -27.93 -20.99 -5.45
N GLU B 119 -29.04 -21.72 -5.31
CA GLU B 119 -29.79 -22.18 -6.47
C GLU B 119 -30.25 -20.98 -7.28
N LEU B 120 -30.28 -21.16 -8.61
CA LEU B 120 -30.60 -20.05 -9.49
C LEU B 120 -32.11 -19.83 -9.53
N ASN B 121 -32.51 -18.59 -9.81
CA ASN B 121 -33.89 -18.11 -9.76
C ASN B 121 -34.42 -18.02 -8.34
N SER B 122 -33.58 -18.27 -7.34
CA SER B 122 -33.85 -17.78 -6.00
C SER B 122 -33.89 -16.24 -6.04
N PRO B 123 -34.83 -15.62 -5.33
CA PRO B 123 -34.95 -14.15 -5.41
C PRO B 123 -33.76 -13.42 -4.76
N LYS B 124 -33.07 -14.08 -3.83
CA LYS B 124 -31.90 -13.50 -3.19
C LYS B 124 -30.82 -13.13 -4.20
N ILE B 125 -30.82 -13.72 -5.40
CA ILE B 125 -29.81 -13.34 -6.38
C ILE B 125 -30.03 -11.91 -6.85
N ARG B 126 -31.28 -11.49 -7.08
CA ARG B 126 -31.40 -10.15 -7.59
C ARG B 126 -31.14 -9.10 -6.53
N VAL B 127 -31.17 -9.47 -5.26
CA VAL B 127 -30.75 -8.51 -4.24
C VAL B 127 -29.23 -8.38 -4.24
N TYR B 128 -28.54 -9.52 -4.34
CA TYR B 128 -27.08 -9.54 -4.41
C TYR B 128 -26.50 -8.72 -5.56
N ASN B 129 -27.25 -8.45 -6.63
CA ASN B 129 -26.69 -7.68 -7.73
C ASN B 129 -26.96 -6.18 -7.66
N THR B 130 -28.04 -5.75 -7.01
CA THR B 130 -28.26 -4.33 -6.81
C THR B 130 -27.16 -3.75 -5.90
N VAL B 131 -26.76 -4.51 -4.88
CA VAL B 131 -25.65 -4.11 -3.99
C VAL B 131 -24.35 -4.00 -4.77
N ILE B 132 -24.02 -5.03 -5.55
CA ILE B 132 -22.80 -4.99 -6.34
C ILE B 132 -22.81 -3.80 -7.32
N SER B 133 -23.95 -3.51 -7.96
CA SER B 133 -24.03 -2.33 -8.83
C SER B 133 -23.88 -1.05 -8.03
N TYR B 134 -24.35 -1.03 -6.80
CA TYR B 134 -24.20 0.17 -5.99
C TYR B 134 -22.77 0.33 -5.49
N ILE B 135 -22.20 -0.70 -4.90
CA ILE B 135 -20.81 -0.61 -4.46
C ILE B 135 -19.91 -0.25 -5.64
N GLU B 136 -20.22 -0.77 -6.83
CA GLU B 136 -19.44 -0.45 -8.03
C GLU B 136 -19.72 0.95 -8.56
N SER B 137 -20.98 1.36 -8.62
CA SER B 137 -21.22 2.72 -9.06
C SER B 137 -20.64 3.71 -8.06
N ASN B 138 -20.64 3.34 -6.78
CA ASN B 138 -20.11 4.23 -5.76
C ASN B 138 -18.59 4.31 -5.85
N ARG B 139 -17.92 3.22 -6.21
CA ARG B 139 -16.46 3.25 -6.32
C ARG B 139 -16.00 4.22 -7.41
N LYS B 140 -16.65 4.19 -8.58
CA LYS B 140 -16.19 5.05 -9.66
C LYS B 140 -16.50 6.49 -9.31
N ASN B 141 -17.77 6.79 -9.05
CA ASN B 141 -18.19 8.13 -8.65
C ASN B 141 -18.96 7.99 -7.35
N ASN B 142 -18.33 8.38 -6.23
CA ASN B 142 -19.02 8.27 -4.96
C ASN B 142 -20.17 9.25 -4.85
N LYS B 143 -20.08 10.37 -5.56
CA LYS B 143 -21.05 11.47 -5.44
C LYS B 143 -22.25 11.27 -6.34
N GLN B 144 -22.06 11.12 -7.65
CA GLN B 144 -23.20 10.94 -8.59
C GLN B 144 -23.97 9.73 -8.10
N THR B 145 -23.29 8.72 -7.60
CA THR B 145 -24.00 7.62 -6.96
C THR B 145 -24.82 8.25 -5.84
N ILE B 146 -24.28 9.11 -4.98
CA ILE B 146 -25.09 9.73 -3.88
C ILE B 146 -26.31 10.40 -4.51
N HIS B 147 -26.13 11.10 -5.62
CA HIS B 147 -27.20 11.80 -6.33
C HIS B 147 -28.36 10.83 -6.58
N LEU B 148 -28.08 9.75 -7.28
CA LEU B 148 -29.05 8.69 -7.45
C LEU B 148 -29.76 8.40 -6.12
N LEU B 149 -28.99 8.13 -5.07
CA LEU B 149 -29.59 7.59 -3.85
C LEU B 149 -30.60 8.56 -3.25
N LYS B 150 -30.34 9.87 -3.32
CA LYS B 150 -31.24 10.84 -2.68
C LYS B 150 -32.49 11.16 -3.50
N ARG B 151 -32.49 10.94 -4.81
CA ARG B 151 -33.74 11.06 -5.57
C ARG B 151 -34.58 9.78 -5.51
N LEU B 152 -33.99 8.66 -5.12
CA LEU B 152 -34.68 7.37 -5.22
C LEU B 152 -35.72 7.23 -4.11
N PRO B 153 -37.03 7.01 -4.44
CA PRO B 153 -38.08 6.99 -3.40
C PRO B 153 -37.77 6.26 -2.09
N ALA B 154 -38.09 6.94 -0.97
CA ALA B 154 -37.70 6.44 0.35
C ALA B 154 -38.15 5.02 0.61
N ASP B 155 -39.24 4.60 -0.02
CA ASP B 155 -39.71 3.22 0.12
C ASP B 155 -38.60 2.22 -0.21
N VAL B 156 -37.99 2.35 -1.38
CA VAL B 156 -37.14 1.28 -1.87
C VAL B 156 -35.70 1.47 -1.38
N LEU B 157 -35.26 2.72 -1.31
CA LEU B 157 -33.99 3.03 -0.63
C LEU B 157 -33.90 2.39 0.76
N LYS B 158 -34.98 2.43 1.54
CA LYS B 158 -34.91 1.84 2.86
C LYS B 158 -34.74 0.33 2.79
N LYS B 159 -35.21 -0.33 1.71
CA LYS B 159 -34.94 -1.76 1.64
C LYS B 159 -33.63 -2.07 0.94
N THR B 160 -33.15 -1.20 0.05
CA THR B 160 -31.79 -1.41 -0.47
C THR B 160 -30.76 -1.14 0.63
N ILE B 161 -31.08 -0.25 1.57
CA ILE B 161 -30.24 -0.07 2.75
C ILE B 161 -30.29 -1.28 3.66
N LYS B 162 -31.49 -1.77 3.95
CA LYS B 162 -31.58 -2.92 4.84
C LYS B 162 -30.98 -4.16 4.18
N ASN B 163 -30.94 -4.21 2.85
CA ASN B 163 -30.30 -5.36 2.21
C ASN B 163 -28.79 -5.26 2.28
N THR B 164 -28.24 -4.07 1.96
CA THR B 164 -26.83 -3.81 2.20
C THR B 164 -26.44 -4.15 3.62
N LEU B 165 -27.21 -3.64 4.58
CA LEU B 165 -26.88 -3.85 5.99
C LEU B 165 -26.92 -5.31 6.39
N ASP B 166 -27.77 -6.12 5.75
CA ASP B 166 -27.81 -7.55 6.07
C ASP B 166 -26.61 -8.28 5.49
N ILE B 167 -26.20 -7.92 4.29
CA ILE B 167 -25.02 -8.53 3.72
C ILE B 167 -23.80 -8.15 4.56
N HIS B 168 -23.64 -6.85 4.81
CA HIS B 168 -22.57 -6.39 5.70
C HIS B 168 -22.41 -7.23 6.93
N LYS B 169 -23.54 -7.57 7.60
CA LYS B 169 -23.44 -8.34 8.85
C LYS B 169 -23.06 -9.78 8.57
N SER B 170 -23.69 -10.38 7.56
CA SER B 170 -23.55 -11.81 7.34
C SER B 170 -22.15 -12.15 6.84
N ILE B 171 -21.58 -11.29 5.99
CA ILE B 171 -20.18 -11.47 5.57
C ILE B 171 -19.25 -11.61 6.76
N THR B 172 -19.44 -10.80 7.77
CA THR B 172 -18.57 -10.78 8.92
C THR B 172 -18.99 -11.76 10.03
N ILE B 173 -20.19 -12.33 9.94
CA ILE B 173 -20.63 -13.50 10.78
C ILE B 173 -20.33 -14.77 9.98
N ASN B 174 -19.08 -15.21 10.03
CA ASN B 174 -18.68 -16.40 9.26
C ASN B 174 -19.22 -16.34 7.84
N ARG C 4 21.13 -19.25 1.87
CA ARG C 4 20.12 -19.91 2.72
C ARG C 4 19.51 -18.92 3.73
N ASN C 5 20.36 -18.12 4.35
CA ASN C 5 19.87 -16.96 5.08
C ASN C 5 19.18 -15.96 4.15
N PRO C 6 18.20 -15.23 4.65
CA PRO C 6 17.54 -14.23 3.81
C PRO C 6 18.50 -13.12 3.45
N CYS C 7 18.48 -12.74 2.18
CA CYS C 7 19.33 -11.65 1.72
C CYS C 7 18.97 -10.36 2.45
N LYS C 8 19.98 -9.72 3.01
CA LYS C 8 19.76 -8.49 3.74
C LYS C 8 19.33 -7.34 2.83
N PHE C 9 19.62 -7.40 1.53
CA PHE C 9 19.15 -6.31 0.70
C PHE C 9 17.70 -6.49 0.36
N GLU C 10 17.28 -7.76 0.24
CA GLU C 10 15.89 -8.04 -0.11
C GLU C 10 14.98 -7.60 1.03
N ILE C 11 15.43 -7.85 2.27
CA ILE C 11 14.76 -7.37 3.46
C ILE C 11 14.49 -5.86 3.44
N ARG C 12 15.36 -5.07 2.80
CA ARG C 12 15.21 -3.63 2.78
C ARG C 12 14.64 -3.16 1.48
N GLY C 13 14.14 -4.09 0.69
CA GLY C 13 13.48 -3.68 -0.51
C GLY C 13 13.71 -4.74 -1.56
N HIS C 14 14.80 -4.59 -2.33
CA HIS C 14 15.07 -5.48 -3.44
C HIS C 14 16.56 -5.64 -3.67
N CYS C 15 16.98 -6.91 -3.77
CA CYS C 15 18.36 -7.22 -4.05
C CYS C 15 18.68 -6.71 -5.43
N LEU C 16 19.82 -6.05 -5.57
CA LEU C 16 20.26 -5.53 -6.85
C LEU C 16 21.54 -6.21 -7.35
N ASN C 17 22.03 -7.25 -6.62
CA ASN C 17 23.25 -7.98 -6.90
C ASN C 17 23.07 -9.17 -7.89
N GLY C 18 22.09 -9.16 -8.77
CA GLY C 18 21.88 -10.21 -9.74
C GLY C 18 22.05 -11.58 -9.13
N LYS C 19 22.57 -12.51 -9.93
CA LYS C 19 22.71 -13.89 -9.48
C LYS C 19 24.03 -14.21 -8.78
N ARG C 20 24.98 -13.27 -8.74
CA ARG C 20 26.06 -13.39 -7.77
C ARG C 20 25.61 -13.55 -6.32
N CYS C 21 24.34 -13.25 -5.98
CA CYS C 21 23.92 -13.28 -4.57
C CYS C 21 23.45 -14.68 -4.22
N HIS C 22 24.09 -15.27 -3.22
CA HIS C 22 23.82 -16.64 -2.79
C HIS C 22 22.95 -16.69 -1.53
N PHE C 23 22.36 -15.58 -1.13
CA PHE C 23 21.43 -15.53 -0.01
C PHE C 23 19.98 -15.64 -0.49
N SER C 24 19.08 -15.93 0.44
CA SER C 24 17.76 -16.32 0.02
C SER C 24 16.98 -15.12 -0.44
N HIS C 25 16.26 -15.30 -1.51
CA HIS C 25 15.27 -14.34 -1.99
C HIS C 25 13.88 -15.00 -2.01
N ASN C 26 13.73 -16.15 -1.36
CA ASN C 26 12.47 -16.86 -1.40
C ASN C 26 11.75 -16.68 -0.07
N TYR C 27 10.61 -15.98 -0.13
CA TYR C 27 9.93 -15.61 1.12
C TYR C 27 9.49 -16.86 1.84
N PHE C 28 9.09 -17.90 1.10
CA PHE C 28 8.72 -19.16 1.75
C PHE C 28 9.85 -19.71 2.61
N GLU C 29 11.08 -19.36 2.31
CA GLU C 29 12.18 -19.94 3.06
C GLU C 29 12.59 -19.11 4.26
N TRP C 30 11.98 -17.93 4.45
CA TRP C 30 12.47 -16.94 5.40
C TRP C 30 11.84 -17.14 6.77
N PRO C 31 12.61 -16.98 7.84
CA PRO C 31 12.00 -16.90 9.16
C PRO C 31 11.07 -15.71 9.27
N PRO C 32 10.14 -15.74 10.22
CA PRO C 32 9.10 -14.73 10.25
C PRO C 32 9.61 -13.33 10.54
N HIS C 33 10.56 -13.17 11.47
CA HIS C 33 11.02 -11.80 11.74
C HIS C 33 11.42 -11.09 10.44
N ALA C 34 12.20 -11.76 9.57
CA ALA C 34 12.59 -11.12 8.33
C ALA C 34 11.39 -10.72 7.51
N LEU C 35 10.29 -11.42 7.60
CA LEU C 35 9.16 -11.02 6.77
C LEU C 35 8.45 -9.83 7.39
N LEU C 36 8.50 -9.71 8.72
CA LEU C 36 7.94 -8.55 9.40
C LEU C 36 8.78 -7.31 9.16
N VAL C 37 10.10 -7.45 9.30
CA VAL C 37 11.00 -6.32 9.10
C VAL C 37 10.90 -5.82 7.68
N ARG C 38 10.79 -6.73 6.73
CA ARG C 38 10.72 -6.31 5.35
C ARG C 38 9.43 -5.57 5.06
N GLN C 39 8.30 -6.01 5.68
CA GLN C 39 7.04 -5.33 5.43
C GLN C 39 7.11 -3.89 5.87
N ASN C 40 7.89 -3.60 6.91
CA ASN C 40 7.96 -2.23 7.36
C ASN C 40 8.82 -1.34 6.48
N PHE C 41 9.96 -1.82 5.96
CA PHE C 41 10.68 -1.01 4.98
C PHE C 41 9.81 -0.83 3.73
N MET C 42 9.08 -1.86 3.29
CA MET C 42 8.31 -1.69 2.06
C MET C 42 7.15 -0.71 2.23
N LEU C 43 6.36 -0.83 3.31
CA LEU C 43 5.33 0.16 3.56
C LEU C 43 5.94 1.57 3.60
N ASN C 44 7.08 1.73 4.31
CA ASN C 44 7.75 3.02 4.31
C ASN C 44 8.01 3.53 2.88
N ARG C 45 8.52 2.68 1.98
CA ARG C 45 8.77 3.14 0.61
C ARG C 45 7.49 3.51 -0.07
N ILE C 46 6.48 2.66 0.05
CA ILE C 46 5.21 2.91 -0.61
C ILE C 46 4.61 4.21 -0.12
N LEU C 47 4.83 4.55 1.15
CA LEU C 47 4.26 5.79 1.65
C LEU C 47 4.98 7.02 1.11
N LYS C 48 6.32 6.92 1.00
CA LYS C 48 7.17 8.02 0.53
C LYS C 48 6.96 8.30 -0.94
N SER C 49 6.40 7.34 -1.65
CA SER C 49 6.27 7.45 -3.09
C SER C 49 4.93 8.01 -3.50
N MET C 50 4.24 8.69 -2.59
CA MET C 50 2.90 9.23 -2.84
C MET C 50 2.83 10.73 -2.62
N ASP C 51 3.95 11.48 -2.79
CA ASP C 51 3.93 12.95 -2.72
C ASP C 51 4.07 13.60 -4.08
N GLU C 71 18.87 21.70 11.86
CA GLU C 71 17.42 21.49 12.01
C GLU C 71 17.01 20.03 11.94
N TYR C 72 17.97 19.13 11.69
CA TYR C 72 17.64 17.73 11.48
C TYR C 72 17.74 16.94 12.78
N ALA C 73 18.64 17.31 13.68
CA ALA C 73 18.69 16.63 14.96
C ALA C 73 17.69 17.20 15.95
N LEU C 74 17.08 18.34 15.61
CA LEU C 74 16.01 18.82 16.45
C LEU C 74 14.76 17.98 16.24
N GLY C 75 14.53 17.56 15.01
CA GLY C 75 13.32 16.91 14.61
C GLY C 75 12.24 17.90 14.18
N VAL C 76 11.19 17.40 13.55
CA VAL C 76 10.09 18.31 13.29
C VAL C 76 9.57 18.87 14.61
N VAL C 77 9.57 18.05 15.69
CA VAL C 77 9.01 18.51 16.97
C VAL C 77 9.86 19.61 17.61
N GLY C 78 11.15 19.40 17.76
CA GLY C 78 12.03 20.43 18.24
C GLY C 78 12.04 21.65 17.35
N VAL C 79 11.69 21.51 16.08
CA VAL C 79 11.58 22.75 15.30
C VAL C 79 10.38 23.54 15.76
N LEU C 80 9.26 22.87 16.02
CA LEU C 80 8.07 23.54 16.51
C LEU C 80 8.22 24.02 17.95
N GLU C 81 8.78 23.18 18.85
CA GLU C 81 8.97 23.62 20.24
C GLU C 81 9.90 24.85 20.27
N SER C 82 10.85 24.96 19.33
CA SER C 82 11.72 26.15 19.32
C SER C 82 11.03 27.39 18.81
N TYR C 83 10.17 27.27 17.80
CA TYR C 83 9.49 28.44 17.29
C TYR C 83 8.59 29.06 18.36
N ILE C 84 7.92 28.21 19.14
CA ILE C 84 7.20 28.57 20.37
C ILE C 84 8.25 28.75 21.46
N GLY C 85 8.71 29.93 21.72
CA GLY C 85 9.86 30.01 22.60
C GLY C 85 10.99 30.78 22.00
N SER C 86 10.93 30.96 20.68
CA SER C 86 11.77 31.88 19.94
C SER C 86 13.23 31.63 20.21
N ILE C 87 13.62 30.35 20.11
CA ILE C 87 15.01 29.95 20.16
C ILE C 87 15.42 29.25 18.84
N ASN C 88 16.70 28.98 18.66
CA ASN C 88 17.30 28.31 17.49
C ASN C 88 16.92 28.97 16.17
N ASN C 89 16.57 30.24 16.18
CA ASN C 89 16.22 31.06 15.01
C ASN C 89 15.39 30.29 14.00
N ILE C 90 14.20 29.90 14.38
CA ILE C 90 13.29 29.18 13.46
C ILE C 90 12.43 30.22 12.77
N THR C 91 12.48 30.33 11.46
CA THR C 91 11.70 31.31 10.71
C THR C 91 10.27 30.82 10.64
N LYS C 92 9.31 31.70 10.61
CA LYS C 92 7.90 31.31 10.50
C LYS C 92 7.66 30.36 9.31
N GLN C 93 8.23 30.69 8.14
CA GLN C 93 8.16 29.76 7.00
C GLN C 93 8.60 28.36 7.41
N SER C 94 9.74 28.22 8.09
CA SER C 94 10.21 26.90 8.48
C SER C 94 9.32 26.24 9.53
N ALA C 95 8.40 26.97 10.13
CA ALA C 95 7.59 26.42 11.21
C ALA C 95 6.26 25.88 10.66
N CYS C 96 5.71 26.53 9.63
CA CYS C 96 4.54 26.00 8.92
C CYS C 96 4.90 24.78 8.06
N VAL C 97 6.11 24.74 7.48
CA VAL C 97 6.59 23.51 6.84
C VAL C 97 6.68 22.37 7.85
N ALA C 98 7.24 22.63 9.03
CA ALA C 98 7.29 21.59 10.05
C ALA C 98 5.88 21.17 10.44
N MET C 99 5.00 22.15 10.57
CA MET C 99 3.66 21.86 11.07
C MET C 99 2.92 20.97 10.07
N SER C 100 3.00 21.32 8.79
CA SER C 100 2.48 20.43 7.74
C SER C 100 2.94 19.00 7.92
N LYS C 101 4.22 18.79 8.19
CA LYS C 101 4.66 17.41 8.42
C LYS C 101 4.00 16.81 9.65
N LEU C 102 3.78 17.59 10.69
CA LEU C 102 3.25 16.97 11.90
C LEU C 102 1.77 16.67 11.79
N LEU C 103 1.05 17.43 10.97
CA LEU C 103 -0.33 17.10 10.65
C LEU C 103 -0.43 15.75 9.93
N THR C 104 0.45 15.49 8.93
CA THR C 104 0.41 14.21 8.21
C THR C 104 0.64 13.01 9.12
N GLU C 105 1.28 13.18 10.25
CA GLU C 105 1.45 12.05 11.17
C GLU C 105 0.27 11.80 12.07
N LEU C 106 -0.75 12.63 12.04
CA LEU C 106 -1.91 12.48 12.88
C LEU C 106 -3.06 12.04 12.01
N ASN C 107 -3.93 11.22 12.56
CA ASN C 107 -5.14 10.84 11.82
C ASN C 107 -6.38 11.36 12.54
N SER C 108 -7.37 11.77 11.77
CA SER C 108 -8.48 12.48 12.37
C SER C 108 -9.45 11.59 13.14
N ASP C 109 -9.37 10.28 13.01
CA ASP C 109 -10.31 9.48 13.80
C ASP C 109 -9.78 9.23 15.22
N ASP C 110 -8.47 8.99 15.41
CA ASP C 110 -7.95 8.99 16.77
C ASP C 110 -8.36 10.28 17.48
N ILE C 111 -8.52 11.37 16.73
CA ILE C 111 -8.84 12.68 17.31
C ILE C 111 -10.32 12.78 17.63
N LYS C 112 -11.18 12.24 16.77
CA LYS C 112 -12.61 12.30 17.03
C LYS C 112 -13.01 11.41 18.17
N LYS C 113 -12.18 10.43 18.51
CA LYS C 113 -12.42 9.65 19.70
C LYS C 113 -12.11 10.46 20.94
N LEU C 114 -10.99 11.22 20.93
CA LEU C 114 -10.72 12.13 22.05
C LEU C 114 -11.86 13.11 22.25
N ARG C 115 -12.39 13.62 21.16
CA ARG C 115 -13.33 14.74 21.21
C ARG C 115 -14.60 14.34 21.94
N ASP C 116 -15.09 13.12 21.71
CA ASP C 116 -16.34 12.66 22.31
C ASP C 116 -16.07 11.80 23.52
N ASN C 117 -15.01 12.11 24.26
CA ASN C 117 -14.86 11.76 25.65
C ASN C 117 -14.69 13.00 26.52
N GLU C 118 -14.63 14.19 25.93
CA GLU C 118 -14.71 15.43 26.68
C GLU C 118 -16.19 15.82 26.77
N GLU C 119 -16.65 16.10 27.99
CA GLU C 119 -18.06 16.40 28.19
C GLU C 119 -18.42 17.78 27.66
N LEU C 120 -19.71 17.94 27.40
CA LEU C 120 -20.22 18.96 26.49
C LEU C 120 -19.70 20.35 26.85
N ASN C 121 -19.52 21.17 25.82
CA ASN C 121 -19.22 22.60 25.91
C ASN C 121 -17.85 22.87 26.52
N SER C 122 -17.11 21.81 26.93
CA SER C 122 -15.69 21.90 27.24
C SER C 122 -15.03 22.72 26.15
N PRO C 123 -14.16 23.66 26.50
CA PRO C 123 -13.48 24.44 25.46
C PRO C 123 -12.67 23.58 24.50
N LYS C 124 -12.25 22.40 24.97
CA LYS C 124 -11.32 21.53 24.28
C LYS C 124 -11.89 20.90 23.04
N ILE C 125 -13.19 21.02 22.80
CA ILE C 125 -13.81 20.48 21.60
C ILE C 125 -13.50 21.37 20.42
N ARG C 126 -13.53 22.68 20.63
CA ARG C 126 -13.30 23.53 19.49
C ARG C 126 -11.86 23.40 19.03
N VAL C 127 -10.93 23.10 19.96
CA VAL C 127 -9.55 22.98 19.52
C VAL C 127 -9.41 21.71 18.71
N TYR C 128 -10.04 20.62 19.20
CA TYR C 128 -10.09 19.38 18.45
C TYR C 128 -10.59 19.55 17.04
N ASN C 129 -11.75 20.18 16.85
CA ASN C 129 -12.26 20.33 15.49
C ASN C 129 -11.35 21.23 14.68
N THR C 130 -10.71 22.21 15.33
CA THR C 130 -9.82 23.12 14.59
C THR C 130 -8.63 22.37 13.98
N VAL C 131 -8.00 21.50 14.75
CA VAL C 131 -6.82 20.75 14.23
C VAL C 131 -7.33 19.81 13.15
N ILE C 132 -8.50 19.23 13.30
CA ILE C 132 -9.05 18.29 12.28
C ILE C 132 -9.14 18.99 10.95
N SER C 133 -9.67 20.19 10.92
CA SER C 133 -9.84 20.94 9.66
C SER C 133 -8.48 21.14 9.02
N TYR C 134 -7.41 21.28 9.80
CA TYR C 134 -6.08 21.49 9.24
C TYR C 134 -5.47 20.18 8.77
N ILE C 135 -5.66 19.12 9.56
CA ILE C 135 -5.25 17.77 9.17
C ILE C 135 -5.90 17.41 7.84
N GLU C 136 -7.19 17.68 7.72
CA GLU C 136 -7.93 17.37 6.51
C GLU C 136 -7.48 18.26 5.36
N SER C 137 -7.32 19.54 5.62
CA SER C 137 -6.84 20.44 4.57
C SER C 137 -5.43 20.06 4.12
N ASN C 138 -4.68 19.40 5.00
CA ASN C 138 -3.28 19.09 4.72
C ASN C 138 -3.17 17.89 3.83
N ARG C 139 -4.10 16.94 3.97
CA ARG C 139 -4.24 15.83 3.03
C ARG C 139 -4.51 16.35 1.63
N LYS C 140 -5.66 16.97 1.43
CA LYS C 140 -6.03 17.47 0.11
C LYS C 140 -4.84 18.11 -0.57
N ASN C 141 -4.10 18.93 0.15
CA ASN C 141 -3.01 19.68 -0.48
C ASN C 141 -2.14 20.31 0.58
N ASN C 142 -1.02 19.67 0.90
CA ASN C 142 -0.17 20.29 1.89
C ASN C 142 0.42 21.60 1.41
N LYS C 143 0.31 21.94 0.13
CA LYS C 143 1.00 23.13 -0.39
C LYS C 143 0.25 24.41 -0.05
N GLN C 144 -1.08 24.40 -0.09
CA GLN C 144 -1.84 25.57 0.29
C GLN C 144 -2.18 25.53 1.77
N THR C 145 -1.98 24.39 2.43
CA THR C 145 -2.26 24.31 3.85
C THR C 145 -1.16 24.99 4.65
N ILE C 146 0.09 24.84 4.21
CA ILE C 146 1.17 25.67 4.72
C ILE C 146 0.77 27.15 4.63
N HIS C 147 0.24 27.58 3.48
CA HIS C 147 0.04 29.01 3.27
C HIS C 147 -1.06 29.54 4.20
N LEU C 148 -2.13 28.77 4.38
CA LEU C 148 -3.19 29.21 5.27
C LEU C 148 -2.66 29.43 6.69
N LEU C 149 -1.60 28.71 7.08
CA LEU C 149 -1.01 28.84 8.41
C LEU C 149 -0.16 30.11 8.53
N LYS C 150 0.68 30.41 7.53
CA LYS C 150 1.52 31.61 7.56
C LYS C 150 0.66 32.88 7.73
N ARG C 151 -0.45 32.97 6.99
CA ARG C 151 -1.36 34.09 7.14
C ARG C 151 -2.02 34.17 8.52
N LEU C 152 -1.83 33.15 9.38
CA LEU C 152 -2.15 33.34 10.79
C LEU C 152 -1.10 34.26 11.40
N PRO C 153 -1.49 35.11 12.35
CA PRO C 153 -0.48 35.83 13.15
C PRO C 153 0.12 34.92 14.22
N ALA C 154 1.40 35.16 14.52
CA ALA C 154 2.17 34.20 15.30
C ALA C 154 1.47 33.82 16.62
N ASP C 155 1.07 34.79 17.44
CA ASP C 155 0.40 34.45 18.69
C ASP C 155 -0.59 33.28 18.55
N VAL C 156 -1.43 33.31 17.51
CA VAL C 156 -2.46 32.28 17.32
C VAL C 156 -1.88 31.06 16.58
N LEU C 157 -0.92 31.28 15.67
CA LEU C 157 -0.20 30.16 15.07
C LEU C 157 0.49 29.30 16.12
N LYS C 158 1.05 29.91 17.15
CA LYS C 158 1.85 29.20 18.14
C LYS C 158 0.98 28.43 19.10
N LYS C 159 -0.21 28.95 19.42
CA LYS C 159 -1.15 28.17 20.23
C LYS C 159 -1.79 27.03 19.42
N THR C 160 -2.08 27.27 18.14
CA THR C 160 -2.44 26.14 17.29
C THR C 160 -1.33 25.10 17.30
N ILE C 161 -0.07 25.53 17.09
CA ILE C 161 1.04 24.57 17.02
C ILE C 161 1.08 23.76 18.31
N LYS C 162 0.97 24.45 19.44
CA LYS C 162 1.14 23.79 20.73
C LYS C 162 -0.06 22.91 21.08
N ASN C 163 -1.20 23.16 20.44
CA ASN C 163 -2.37 22.30 20.66
C ASN C 163 -2.22 20.99 19.91
N THR C 164 -1.68 21.03 18.68
CA THR C 164 -1.40 19.80 17.95
C THR C 164 -0.19 19.06 18.52
N LEU C 165 0.82 19.74 19.04
CA LEU C 165 1.81 19.02 19.85
C LEU C 165 1.15 18.25 20.99
N ASP C 166 0.27 18.90 21.77
CA ASP C 166 -0.27 18.25 22.95
C ASP C 166 -1.00 16.98 22.56
N ILE C 167 -1.83 17.07 21.52
CA ILE C 167 -2.57 15.90 21.05
C ILE C 167 -1.61 14.82 20.55
N HIS C 168 -0.57 15.21 19.82
CA HIS C 168 0.45 14.26 19.39
C HIS C 168 0.99 13.42 20.55
N LYS C 169 1.46 14.07 21.62
CA LYS C 169 1.98 13.28 22.74
C LYS C 169 0.85 12.47 23.38
N SER C 170 -0.39 12.97 23.31
CA SER C 170 -1.51 12.43 24.09
C SER C 170 -2.02 11.11 23.52
N ILE C 171 -2.39 11.12 22.23
CA ILE C 171 -2.72 9.92 21.45
C ILE C 171 -1.68 8.82 21.62
N THR C 172 -0.40 9.17 21.46
CA THR C 172 0.70 8.20 21.39
C THR C 172 1.14 7.71 22.78
N ILE C 173 1.47 8.60 23.69
CA ILE C 173 1.88 8.23 25.06
C ILE C 173 0.72 8.53 26.01
N ASN C 174 0.21 7.50 26.67
CA ASN C 174 -0.94 7.65 27.56
C ASN C 174 -2.15 8.20 26.76
N ARG D 4 -7.60 -27.32 4.90
CA ARG D 4 -6.70 -27.53 3.77
C ARG D 4 -5.62 -26.48 3.71
N ASN D 5 -4.59 -26.78 2.92
CA ASN D 5 -3.45 -25.89 2.82
C ASN D 5 -3.84 -24.64 2.04
N PRO D 6 -3.19 -23.50 2.32
CA PRO D 6 -3.56 -22.25 1.64
C PRO D 6 -3.19 -22.25 0.17
N CYS D 7 -4.10 -21.72 -0.62
CA CYS D 7 -3.98 -21.68 -2.06
C CYS D 7 -2.72 -20.95 -2.47
N LYS D 8 -1.83 -21.63 -3.17
CA LYS D 8 -0.57 -20.99 -3.53
C LYS D 8 -0.76 -19.86 -4.55
N PHE D 9 -1.91 -19.77 -5.22
CA PHE D 9 -2.20 -18.64 -6.08
C PHE D 9 -2.69 -17.43 -5.30
N GLU D 10 -3.36 -17.66 -4.17
CA GLU D 10 -3.80 -16.54 -3.34
C GLU D 10 -2.64 -16.05 -2.49
N ILE D 11 -1.70 -16.93 -2.15
CA ILE D 11 -0.51 -16.45 -1.49
C ILE D 11 0.21 -15.37 -2.33
N ARG D 12 0.26 -15.54 -3.64
CA ARG D 12 0.99 -14.64 -4.51
C ARG D 12 0.11 -13.56 -5.09
N GLY D 13 -1.13 -13.45 -4.60
CA GLY D 13 -2.02 -12.46 -5.15
C GLY D 13 -3.47 -12.86 -5.00
N HIS D 14 -4.14 -13.14 -6.13
CA HIS D 14 -5.56 -13.46 -6.15
C HIS D 14 -5.77 -14.69 -7.00
N CYS D 15 -6.02 -15.84 -6.36
CA CYS D 15 -6.37 -17.05 -7.09
C CYS D 15 -7.41 -16.78 -8.15
N LEU D 16 -7.22 -17.40 -9.31
CA LEU D 16 -8.09 -17.18 -10.46
C LEU D 16 -8.76 -18.47 -10.96
N ASN D 17 -8.72 -19.55 -10.18
CA ASN D 17 -9.30 -20.84 -10.51
C ASN D 17 -10.78 -20.96 -10.23
N GLY D 18 -11.47 -19.89 -9.82
CA GLY D 18 -12.87 -19.94 -9.35
C GLY D 18 -13.10 -20.98 -8.27
N LYS D 19 -14.31 -21.56 -8.27
CA LYS D 19 -14.68 -22.54 -7.24
C LYS D 19 -14.10 -23.93 -7.49
N ARG D 20 -13.48 -24.18 -8.65
CA ARG D 20 -12.75 -25.45 -8.82
C ARG D 20 -11.65 -25.62 -7.77
N CYS D 21 -11.15 -24.54 -7.15
CA CYS D 21 -9.93 -24.64 -6.36
C CYS D 21 -10.22 -25.16 -4.97
N HIS D 22 -9.52 -26.24 -4.60
CA HIS D 22 -9.76 -27.01 -3.38
C HIS D 22 -8.74 -26.69 -2.28
N PHE D 23 -8.36 -25.41 -2.13
CA PHE D 23 -7.39 -24.99 -1.15
C PHE D 23 -7.94 -23.75 -0.45
N SER D 24 -7.32 -23.33 0.66
CA SER D 24 -7.95 -22.26 1.43
C SER D 24 -7.76 -20.90 0.75
N HIS D 25 -8.83 -20.11 0.76
CA HIS D 25 -8.80 -18.71 0.36
C HIS D 25 -9.24 -17.83 1.52
N ASN D 26 -9.21 -18.33 2.74
CA ASN D 26 -9.83 -17.66 3.87
C ASN D 26 -8.70 -17.32 4.81
N TYR D 27 -8.31 -16.03 4.83
CA TYR D 27 -7.14 -15.69 5.62
C TYR D 27 -7.34 -16.05 7.07
N PHE D 28 -8.60 -16.12 7.53
CA PHE D 28 -8.84 -16.47 8.92
C PHE D 28 -8.34 -17.86 9.28
N GLU D 29 -8.11 -18.73 8.31
CA GLU D 29 -7.72 -20.10 8.56
C GLU D 29 -6.26 -20.39 8.28
N TRP D 30 -5.48 -19.36 8.01
CA TRP D 30 -4.16 -19.73 7.53
C TRP D 30 -3.16 -19.80 8.65
N PRO D 31 -2.14 -20.60 8.55
CA PRO D 31 -0.98 -20.50 9.40
C PRO D 31 -0.35 -19.10 9.24
N PRO D 32 0.22 -18.52 10.29
CA PRO D 32 0.69 -17.13 10.18
C PRO D 32 1.83 -16.94 9.19
N HIS D 33 2.60 -17.98 8.88
CA HIS D 33 3.66 -17.79 7.91
C HIS D 33 3.08 -17.49 6.53
N ALA D 34 2.00 -18.14 6.17
CA ALA D 34 1.52 -17.85 4.82
C ALA D 34 1.04 -16.42 4.72
N LEU D 35 0.60 -15.83 5.83
CA LEU D 35 0.10 -14.46 5.75
C LEU D 35 1.23 -13.45 5.67
N LEU D 36 2.35 -13.68 6.36
CA LEU D 36 3.59 -12.93 6.12
C LEU D 36 4.02 -12.99 4.66
N VAL D 37 4.02 -14.17 4.05
CA VAL D 37 4.52 -14.28 2.68
C VAL D 37 3.61 -13.54 1.72
N ARG D 38 2.31 -13.74 1.89
CA ARG D 38 1.40 -13.08 1.00
C ARG D 38 1.58 -11.59 1.06
N GLN D 39 1.87 -11.05 2.25
CA GLN D 39 1.95 -9.59 2.36
C GLN D 39 3.16 -9.06 1.61
N ASN D 40 4.30 -9.73 1.76
CA ASN D 40 5.44 -9.40 0.94
C ASN D 40 5.14 -9.52 -0.56
N PHE D 41 4.47 -10.61 -1.03
CA PHE D 41 4.09 -10.65 -2.47
C PHE D 41 3.17 -9.50 -2.84
N MET D 42 2.28 -9.10 -1.97
CA MET D 42 1.38 -8.03 -2.37
C MET D 42 2.04 -6.65 -2.22
N LEU D 43 2.95 -6.50 -1.26
CA LEU D 43 3.65 -5.22 -1.13
C LEU D 43 4.44 -4.96 -2.38
N ASN D 44 5.18 -6.00 -2.85
CA ASN D 44 5.94 -5.92 -4.09
C ASN D 44 5.02 -5.54 -5.24
N ARG D 45 3.77 -5.98 -5.23
CA ARG D 45 2.91 -5.64 -6.35
C ARG D 45 2.35 -4.21 -6.25
N ILE D 46 1.95 -3.79 -5.06
CA ILE D 46 1.49 -2.43 -4.87
C ILE D 46 2.55 -1.46 -5.33
N LEU D 47 3.81 -1.75 -5.00
CA LEU D 47 4.91 -0.84 -5.26
C LEU D 47 5.30 -0.78 -6.74
N LYS D 48 5.24 -1.92 -7.45
CA LYS D 48 5.53 -1.96 -8.88
C LYS D 48 4.49 -1.19 -9.66
N SER D 49 3.28 -1.07 -9.14
CA SER D 49 2.22 -0.35 -9.82
C SER D 49 2.30 1.15 -9.56
N MET D 50 3.48 1.66 -9.19
CA MET D 50 3.75 3.09 -9.06
C MET D 50 5.11 3.40 -9.74
N ASP D 51 5.16 3.26 -11.08
CA ASP D 51 6.34 3.61 -11.88
C ASP D 51 6.75 5.09 -11.70
N ARG D 68 20.77 -4.28 -24.36
CA ARG D 68 20.77 -5.74 -24.26
C ARG D 68 20.12 -6.16 -22.92
N THR D 69 20.13 -7.48 -22.65
CA THR D 69 19.52 -7.98 -21.42
C THR D 69 20.19 -9.22 -20.82
N GLU D 70 21.37 -9.68 -21.29
CA GLU D 70 22.18 -10.64 -20.53
C GLU D 70 22.79 -10.01 -19.28
N GLU D 71 22.58 -8.69 -19.11
CA GLU D 71 22.85 -7.94 -17.89
C GLU D 71 21.96 -8.34 -16.71
N TYR D 72 20.93 -9.18 -16.94
CA TYR D 72 20.11 -9.67 -15.85
C TYR D 72 20.93 -10.50 -14.88
N ALA D 73 21.81 -11.36 -15.42
CA ALA D 73 22.77 -12.09 -14.61
C ALA D 73 23.50 -11.16 -13.65
N LEU D 74 23.91 -10.01 -14.16
CA LEU D 74 24.69 -9.08 -13.38
C LEU D 74 23.84 -8.40 -12.30
N GLY D 75 22.65 -7.99 -12.66
CA GLY D 75 21.89 -7.17 -11.75
C GLY D 75 22.38 -5.74 -11.81
N VAL D 76 21.70 -4.86 -11.09
CA VAL D 76 22.06 -3.45 -11.21
C VAL D 76 23.45 -3.17 -10.60
N VAL D 77 23.82 -3.87 -9.53
CA VAL D 77 25.13 -3.69 -8.96
C VAL D 77 26.21 -4.35 -9.80
N GLY D 78 25.95 -5.53 -10.34
CA GLY D 78 26.90 -6.09 -11.26
C GLY D 78 27.22 -5.10 -12.37
N VAL D 79 26.17 -4.53 -12.94
CA VAL D 79 26.33 -3.59 -14.04
C VAL D 79 27.11 -2.35 -13.65
N LEU D 80 27.11 -1.97 -12.39
CA LEU D 80 27.73 -0.69 -12.10
C LEU D 80 29.18 -0.89 -11.77
N GLU D 81 29.46 -1.93 -10.98
CA GLU D 81 30.82 -2.34 -10.73
C GLU D 81 31.53 -2.56 -12.06
N SER D 82 30.80 -3.13 -13.03
CA SER D 82 31.41 -3.42 -14.33
C SER D 82 31.80 -2.14 -15.04
N TYR D 83 30.89 -1.16 -15.05
CA TYR D 83 31.20 0.12 -15.67
C TYR D 83 32.43 0.75 -15.01
N ILE D 84 32.49 0.70 -13.70
CA ILE D 84 33.56 1.33 -12.94
C ILE D 84 34.92 0.76 -13.32
N GLY D 85 34.94 -0.51 -13.71
CA GLY D 85 36.18 -1.18 -14.01
C GLY D 85 36.33 -1.46 -15.47
N SER D 86 35.56 -0.82 -16.34
CA SER D 86 35.63 -1.00 -17.77
C SER D 86 35.63 -2.48 -18.09
N ILE D 87 34.56 -3.15 -17.72
CA ILE D 87 34.36 -4.58 -17.88
C ILE D 87 32.99 -4.74 -18.54
N ASN D 88 32.83 -5.81 -19.30
CA ASN D 88 31.54 -6.29 -19.82
C ASN D 88 30.86 -5.33 -20.82
N ASN D 89 31.55 -4.32 -21.35
CA ASN D 89 31.01 -3.54 -22.47
C ASN D 89 29.69 -2.90 -22.10
N ILE D 90 29.77 -2.15 -21.01
CA ILE D 90 28.66 -1.45 -20.42
C ILE D 90 28.72 -0.01 -20.92
N THR D 91 27.72 0.41 -21.69
CA THR D 91 27.62 1.80 -22.15
C THR D 91 27.28 2.73 -20.99
N LYS D 92 27.53 4.03 -21.21
CA LYS D 92 27.28 5.02 -20.17
C LYS D 92 25.79 5.14 -19.91
N GLN D 93 24.99 5.11 -20.97
CA GLN D 93 23.54 5.10 -20.82
C GLN D 93 23.10 3.97 -19.90
N SER D 94 23.61 2.77 -20.13
CA SER D 94 23.15 1.65 -19.33
C SER D 94 23.60 1.72 -17.87
N ALA D 95 24.65 2.46 -17.56
CA ALA D 95 25.12 2.59 -16.19
C ALA D 95 24.42 3.72 -15.44
N CYS D 96 23.81 4.64 -16.19
CA CYS D 96 23.01 5.74 -15.66
C CYS D 96 21.62 5.26 -15.25
N VAL D 97 20.94 4.57 -16.17
CA VAL D 97 19.72 3.84 -15.85
C VAL D 97 19.88 3.04 -14.57
N ALA D 98 20.87 2.18 -14.56
CA ALA D 98 21.08 1.36 -13.38
C ALA D 98 21.43 2.20 -12.16
N MET D 99 22.07 3.35 -12.35
CA MET D 99 22.41 4.19 -11.20
C MET D 99 21.14 4.81 -10.64
N SER D 100 20.23 5.24 -11.53
CA SER D 100 18.89 5.63 -11.09
C SER D 100 18.20 4.51 -10.29
N LYS D 101 18.15 3.30 -10.83
CA LYS D 101 17.54 2.23 -10.02
C LYS D 101 18.28 2.04 -8.73
N LEU D 102 19.61 2.14 -8.72
CA LEU D 102 20.30 2.02 -7.43
C LEU D 102 19.83 3.08 -6.47
N LEU D 103 19.78 4.34 -6.93
CA LEU D 103 19.25 5.43 -6.12
C LEU D 103 17.87 5.09 -5.52
N THR D 104 16.87 4.67 -6.35
CA THR D 104 15.52 4.54 -5.82
C THR D 104 15.40 3.49 -4.72
N GLU D 105 16.46 2.78 -4.40
CA GLU D 105 16.54 1.71 -3.42
C GLU D 105 17.15 2.21 -2.15
N LEU D 106 17.65 3.41 -2.24
CA LEU D 106 18.20 4.11 -1.12
C LEU D 106 17.18 5.11 -0.61
N ASN D 107 17.22 5.33 0.70
CA ASN D 107 16.31 6.26 1.38
C ASN D 107 17.12 7.35 2.08
N SER D 108 16.72 8.61 1.84
CA SER D 108 17.53 9.73 2.31
C SER D 108 17.76 9.70 3.82
N ASP D 109 16.76 9.24 4.60
CA ASP D 109 16.87 9.42 6.06
C ASP D 109 18.01 8.60 6.65
N ASP D 110 18.30 7.41 6.08
CA ASP D 110 19.32 6.51 6.63
C ASP D 110 20.71 7.12 6.58
N ILE D 111 20.95 8.03 5.63
CA ILE D 111 22.30 8.53 5.43
C ILE D 111 22.48 9.86 6.17
N LYS D 112 21.40 10.63 6.30
CA LYS D 112 21.40 11.74 7.26
C LYS D 112 21.68 11.25 8.67
N LYS D 113 21.19 10.04 9.02
CA LYS D 113 21.64 9.38 10.24
C LYS D 113 23.16 9.33 10.32
N LEU D 114 23.81 9.08 9.19
CA LEU D 114 25.26 9.00 9.22
C LEU D 114 25.90 10.36 9.07
N ARG D 115 25.32 11.25 8.29
CA ARG D 115 25.87 12.58 8.14
C ARG D 115 26.05 13.28 9.50
N ASP D 116 25.19 12.99 10.48
CA ASP D 116 25.42 13.55 11.82
C ASP D 116 26.42 12.72 12.64
N ASN D 117 26.59 11.44 12.33
CA ASN D 117 27.60 10.62 12.99
C ASN D 117 29.01 10.97 12.52
N GLU D 118 29.14 11.86 11.53
CA GLU D 118 30.42 12.28 10.99
C GLU D 118 31.01 13.41 11.85
N GLU D 119 32.22 13.87 11.50
CA GLU D 119 32.88 14.99 12.16
C GLU D 119 32.81 16.21 11.25
N LEU D 120 32.93 17.40 11.86
CA LEU D 120 32.79 18.63 11.08
C LEU D 120 33.92 18.77 10.08
N ASN D 121 33.59 19.27 8.90
CA ASN D 121 34.51 19.34 7.76
C ASN D 121 35.32 18.04 7.68
N SER D 122 34.58 16.95 7.48
CA SER D 122 35.11 15.77 6.82
C SER D 122 34.94 15.96 5.32
N PRO D 123 35.66 15.18 4.51
CA PRO D 123 35.23 15.07 3.10
C PRO D 123 33.92 14.32 2.97
N LYS D 124 33.72 13.28 3.78
CA LYS D 124 32.57 12.42 3.61
C LYS D 124 31.27 13.18 3.81
N ILE D 125 31.32 14.35 4.44
CA ILE D 125 30.08 15.10 4.48
C ILE D 125 29.79 15.66 3.10
N ARG D 126 30.83 15.90 2.30
CA ARG D 126 30.57 16.39 0.93
C ARG D 126 29.87 15.32 0.09
N VAL D 127 30.36 14.07 0.13
CA VAL D 127 29.79 13.00 -0.68
C VAL D 127 28.34 12.74 -0.26
N TYR D 128 28.12 12.52 1.04
CA TYR D 128 26.77 12.27 1.53
C TYR D 128 25.77 13.33 1.01
N ASN D 129 26.12 14.62 1.12
CA ASN D 129 25.20 15.65 0.63
C ASN D 129 24.89 15.43 -0.85
N THR D 130 25.88 14.98 -1.63
CA THR D 130 25.71 14.90 -3.07
C THR D 130 24.81 13.73 -3.47
N VAL D 131 24.98 12.55 -2.86
CA VAL D 131 24.08 11.47 -3.21
C VAL D 131 22.63 11.86 -2.88
N ILE D 132 22.37 12.47 -1.71
CA ILE D 132 21.02 12.96 -1.41
C ILE D 132 20.48 13.82 -2.55
N SER D 133 21.27 14.76 -3.05
CA SER D 133 20.70 15.57 -4.12
C SER D 133 20.26 14.68 -5.26
N TYR D 134 20.97 13.55 -5.46
CA TYR D 134 20.63 12.61 -6.53
C TYR D 134 19.40 11.74 -6.20
N ILE D 135 19.35 11.16 -4.98
CA ILE D 135 18.15 10.46 -4.55
C ILE D 135 16.90 11.31 -4.78
N GLU D 136 16.90 12.53 -4.23
CA GLU D 136 15.73 13.38 -4.32
C GLU D 136 15.37 13.70 -5.77
N SER D 137 16.35 14.11 -6.57
CA SER D 137 16.04 14.39 -7.95
C SER D 137 15.57 13.13 -8.65
N ASN D 138 16.10 11.98 -8.23
CA ASN D 138 15.72 10.69 -8.80
C ASN D 138 14.28 10.36 -8.47
N ARG D 139 13.87 10.58 -7.22
CA ARG D 139 12.45 10.50 -6.86
C ARG D 139 11.61 11.43 -7.72
N LYS D 140 11.88 12.73 -7.68
CA LYS D 140 10.99 13.64 -8.37
C LYS D 140 10.95 13.31 -9.85
N ASN D 141 12.06 13.44 -10.57
CA ASN D 141 12.08 13.04 -11.98
C ASN D 141 13.27 12.12 -12.29
N ASN D 142 13.02 10.81 -12.29
CA ASN D 142 14.09 9.86 -12.55
C ASN D 142 14.56 9.91 -14.01
N LYS D 143 13.75 10.39 -14.96
CA LYS D 143 14.21 10.46 -16.36
C LYS D 143 15.22 11.59 -16.57
N GLN D 144 15.08 12.71 -15.87
CA GLN D 144 16.01 13.82 -16.03
C GLN D 144 17.25 13.67 -15.16
N THR D 145 17.15 12.99 -14.02
CA THR D 145 18.35 12.64 -13.28
C THR D 145 19.24 11.74 -14.13
N ILE D 146 18.65 10.84 -14.91
CA ILE D 146 19.44 10.06 -15.85
C ILE D 146 20.03 10.95 -16.93
N HIS D 147 19.26 11.88 -17.46
CA HIS D 147 19.81 12.77 -18.46
C HIS D 147 21.02 13.49 -17.88
N LEU D 148 20.92 13.89 -16.61
CA LEU D 148 22.00 14.59 -15.92
C LEU D 148 23.25 13.73 -15.85
N LEU D 149 23.12 12.53 -15.26
CA LEU D 149 24.27 11.67 -15.04
C LEU D 149 25.04 11.40 -16.33
N LYS D 150 24.34 11.29 -17.47
CA LYS D 150 24.97 11.04 -18.76
C LYS D 150 25.65 12.28 -19.39
N ARG D 151 25.82 13.39 -18.67
CA ARG D 151 26.64 14.49 -19.14
C ARG D 151 27.84 14.77 -18.25
N LEU D 152 27.89 14.14 -17.08
CA LEU D 152 29.03 14.29 -16.19
C LEU D 152 30.29 13.68 -16.79
N PRO D 153 31.45 14.27 -16.55
CA PRO D 153 32.70 13.62 -16.93
C PRO D 153 32.75 12.17 -16.46
N ALA D 154 33.15 11.29 -17.38
CA ALA D 154 33.16 9.85 -17.13
C ALA D 154 33.82 9.49 -15.81
N ASP D 155 34.93 10.14 -15.47
CA ASP D 155 35.61 9.80 -14.23
C ASP D 155 34.84 10.31 -13.02
N VAL D 156 34.12 11.43 -13.16
CA VAL D 156 33.36 11.94 -12.02
C VAL D 156 32.13 11.08 -11.82
N LEU D 157 31.54 10.61 -12.91
CA LEU D 157 30.40 9.71 -12.81
C LEU D 157 30.78 8.47 -12.05
N LYS D 158 31.92 7.88 -12.37
CA LYS D 158 32.31 6.62 -11.75
C LYS D 158 32.55 6.77 -10.26
N LYS D 159 32.89 7.96 -9.76
CA LYS D 159 33.13 8.03 -8.32
C LYS D 159 31.84 8.30 -7.56
N THR D 160 30.96 9.16 -8.09
CA THR D 160 29.58 9.16 -7.67
C THR D 160 29.11 7.71 -7.51
N ILE D 161 29.20 6.93 -8.62
CA ILE D 161 28.78 5.52 -8.64
C ILE D 161 29.50 4.69 -7.58
N LYS D 162 30.80 4.90 -7.42
CA LYS D 162 31.49 4.07 -6.44
C LYS D 162 31.07 4.47 -5.04
N ASN D 163 30.89 5.77 -4.81
CA ASN D 163 30.49 6.26 -3.49
C ASN D 163 29.13 5.69 -3.11
N THR D 164 28.20 5.76 -4.04
CA THR D 164 26.86 5.28 -3.81
C THR D 164 26.85 3.77 -3.58
N LEU D 165 27.54 3.02 -4.41
CA LEU D 165 27.62 1.60 -4.16
C LEU D 165 28.12 1.32 -2.77
N ASP D 166 28.99 2.17 -2.29
CA ASP D 166 29.62 1.84 -1.03
C ASP D 166 28.69 2.22 0.11
N ILE D 167 27.97 3.33 -0.07
CA ILE D 167 26.92 3.68 0.87
C ILE D 167 25.85 2.59 0.91
N HIS D 168 25.31 2.21 -0.26
CA HIS D 168 24.41 1.07 -0.35
C HIS D 168 24.92 -0.12 0.43
N LYS D 169 26.21 -0.46 0.30
CA LYS D 169 26.70 -1.68 0.92
C LYS D 169 26.66 -1.61 2.45
N SER D 170 27.04 -0.45 3.04
CA SER D 170 27.25 -0.38 4.48
C SER D 170 26.01 0.11 5.24
N ILE D 171 25.13 0.88 4.58
CA ILE D 171 23.77 1.04 5.09
C ILE D 171 23.24 -0.32 5.57
N THR D 172 23.32 -1.37 4.72
CA THR D 172 22.68 -2.63 5.04
C THR D 172 23.52 -3.60 5.87
N ILE D 173 24.84 -3.42 5.98
CA ILE D 173 25.70 -4.37 6.67
C ILE D 173 26.44 -3.78 7.88
N ASN D 174 26.29 -2.49 8.20
CA ASN D 174 26.99 -1.84 9.30
C ASN D 174 26.01 -1.44 10.40
N ASN D 175 26.04 -2.15 11.53
CA ASN D 175 25.31 -1.71 12.73
C ASN D 175 26.19 -0.86 13.65
ZN ZN G . -16.25 -2.50 15.83
ZN ZN H . 11.57 7.96 18.53
ZN ZN I . 20.40 -10.79 -2.65
ZN ZN J . -7.17 -21.00 -5.28
#